data_9B2F
#
_entry.id   9B2F
#
_cell.length_a   74.384
_cell.length_b   103.045
_cell.length_c   103.082
_cell.angle_alpha   90.000
_cell.angle_beta   90.000
_cell.angle_gamma   90.000
#
_symmetry.space_group_name_H-M   'I 2 2 2'
#
loop_
_entity.id
_entity.type
_entity.pdbx_description
1 polymer 'Dehydrogenase/reductase SDR family member 9'
2 non-polymer NICOTINAMIDE-ADENINE-DINUCLEOTIDE
3 non-polymer 'MALONATE ION'
4 water water
#
_entity_poly.entity_id   1
_entity_poly.type   'polypeptide(L)'
_entity_poly.pdbx_seq_one_letter_code
;MLFWLLALLFLCAFLWNYKGQLKIADIADKYVFITGCDTGFGNLAARTFDKKGFRVIAACLTESGSAALKAKTSERLHTV
LLDVTDPENVKKTAQWVKSHVGEKGLWGLINNAGVLGVLAPTDWLTVDDYREPIEVNLFGLINVTLNMLPLVKKARGRVI
NVSSIGGRLAFGGGGYTPSKYAVEGFNDSLRRDMKAFGVHVSCIEPGLFKTELADPIKTTEKKLAIWKHLSPDIKQQYGE
GYIEKSLHRLKSNTSSVNLDLSLVVGCMDHALTSLFPKTRYIAGKDAKTFWIPLSHMPAVLQDFLLLKQKVELANPKAV
;
_entity_poly.pdbx_strand_id   A
#
loop_
_chem_comp.id
_chem_comp.type
_chem_comp.name
_chem_comp.formula
MLI non-polymer 'MALONATE ION' 'C3 H2 O4 -2'
NAD non-polymer NICOTINAMIDE-ADENINE-DINUCLEOTIDE 'C21 H27 N7 O14 P2'
#
# COMPACT_ATOMS: atom_id res chain seq x y z
N GLN A 21 -21.06 0.93 18.33
CA GLN A 21 -20.45 -0.26 17.66
C GLN A 21 -21.27 -1.50 17.97
N LEU A 22 -22.24 -1.81 17.09
CA LEU A 22 -22.56 -3.19 16.82
C LEU A 22 -21.41 -3.72 15.94
N LYS A 23 -20.60 -4.61 16.51
CA LYS A 23 -19.55 -5.31 15.80
C LYS A 23 -20.08 -6.63 15.26
N ILE A 24 -19.33 -7.29 14.36
CA ILE A 24 -19.70 -8.62 13.93
C ILE A 24 -19.55 -9.57 15.12
N ALA A 25 -20.18 -10.74 15.02
CA ALA A 25 -20.00 -11.81 15.99
C ALA A 25 -19.09 -12.88 15.38
N ASP A 26 -18.65 -13.80 16.24
CA ASP A 26 -17.86 -14.98 15.87
C ASP A 26 -16.56 -14.62 15.14
N ILE A 27 -15.85 -13.62 15.69
CA ILE A 27 -14.52 -13.28 15.22
C ILE A 27 -13.65 -14.53 15.21
N ALA A 28 -13.79 -15.40 16.21
CA ALA A 28 -12.88 -16.52 16.35
C ALA A 28 -13.01 -17.55 15.23
N ASP A 29 -14.15 -17.51 14.51
CA ASP A 29 -14.42 -18.42 13.41
C ASP A 29 -14.05 -17.86 12.04
N LYS A 30 -13.53 -16.61 11.98
CA LYS A 30 -13.26 -15.91 10.72
C LYS A 30 -11.77 -15.82 10.37
N TYR A 31 -11.47 -16.13 9.09
CA TYR A 31 -10.13 -16.04 8.53
C TYR A 31 -9.90 -14.68 7.89
N VAL A 32 -8.71 -14.14 8.11
CA VAL A 32 -8.29 -12.91 7.46
C VAL A 32 -6.94 -13.12 6.78
N PHE A 33 -6.88 -12.89 5.46
CA PHE A 33 -5.66 -13.05 4.66
C PHE A 33 -5.03 -11.68 4.43
N ILE A 34 -3.78 -11.50 4.85
CA ILE A 34 -3.06 -10.23 4.77
C ILE A 34 -1.81 -10.40 3.92
N THR A 35 -1.62 -9.53 2.91
CA THR A 35 -0.42 -9.57 2.08
C THR A 35 0.64 -8.62 2.66
N GLY A 36 1.92 -9.01 2.54
CA GLY A 36 3.03 -8.16 2.95
C GLY A 36 3.17 -7.99 4.48
N CYS A 37 3.37 -9.10 5.20
CA CYS A 37 3.38 -9.06 6.65
C CYS A 37 4.80 -9.08 7.25
N ASP A 38 5.85 -9.02 6.43
CA ASP A 38 7.20 -9.01 6.95
C ASP A 38 7.47 -7.83 7.86
N THR A 39 7.06 -6.62 7.41
CA THR A 39 7.30 -5.39 8.13
C THR A 39 6.06 -4.50 8.01
N GLY A 40 6.15 -3.33 8.65
CA GLY A 40 5.20 -2.23 8.45
C GLY A 40 3.78 -2.55 8.90
N PHE A 41 2.81 -1.97 8.17
CA PHE A 41 1.39 -2.06 8.53
C PHE A 41 0.94 -3.51 8.59
N GLY A 42 1.40 -4.32 7.65
CA GLY A 42 0.92 -5.67 7.53
C GLY A 42 1.42 -6.56 8.67
N ASN A 43 2.65 -6.32 9.14
CA ASN A 43 3.17 -7.02 10.32
C ASN A 43 2.35 -6.68 11.57
N LEU A 44 2.11 -5.39 11.80
CA LEU A 44 1.33 -4.97 12.93
C LEU A 44 -0.10 -5.49 12.84
N ALA A 45 -0.71 -5.44 11.63
CA ALA A 45 -2.05 -5.98 11.41
C ALA A 45 -2.10 -7.46 11.78
N ALA A 46 -1.15 -8.26 11.26
CA ALA A 46 -1.17 -9.68 11.56
C ALA A 46 -1.14 -9.92 13.08
N ARG A 47 -0.23 -9.23 13.78
CA ARG A 47 -0.09 -9.39 15.23
C ARG A 47 -1.34 -8.94 15.97
N THR A 48 -1.92 -7.82 15.51
CA THR A 48 -3.09 -7.26 16.17
C THR A 48 -4.30 -8.19 16.01
N PHE A 49 -4.52 -8.70 14.79
CA PHE A 49 -5.72 -9.49 14.55
C PHE A 49 -5.59 -10.88 15.15
N ASP A 50 -4.36 -11.39 15.21
CA ASP A 50 -4.08 -12.62 15.94
C ASP A 50 -4.51 -12.51 17.41
N LYS A 51 -4.12 -11.41 18.06
CA LYS A 51 -4.42 -11.22 19.47
C LYS A 51 -5.91 -10.98 19.64
N LYS A 52 -6.58 -10.38 18.64
CA LYS A 52 -8.00 -10.11 18.69
C LYS A 52 -8.82 -11.39 18.56
N GLY A 53 -8.26 -12.45 17.97
CA GLY A 53 -8.98 -13.72 17.91
C GLY A 53 -9.33 -14.18 16.50
N PHE A 54 -9.00 -13.37 15.47
CA PHE A 54 -9.16 -13.83 14.11
C PHE A 54 -8.15 -14.94 13.87
N ARG A 55 -8.49 -15.79 12.91
CA ARG A 55 -7.55 -16.72 12.29
C ARG A 55 -6.81 -16.06 11.13
N VAL A 56 -5.57 -15.65 11.38
CA VAL A 56 -4.82 -14.85 10.43
C VAL A 56 -4.04 -15.77 9.52
N ILE A 57 -4.10 -15.48 8.21
CA ILE A 57 -3.24 -16.08 7.22
C ILE A 57 -2.34 -14.95 6.73
N ALA A 58 -1.12 -14.93 7.24
CA ALA A 58 -0.17 -13.85 7.00
C ALA A 58 0.79 -14.20 5.88
N ALA A 59 0.63 -13.54 4.72
CA ALA A 59 1.52 -13.77 3.60
C ALA A 59 2.73 -12.86 3.73
N CYS A 60 3.92 -13.45 3.59
CA CYS A 60 5.19 -12.78 3.78
C CYS A 60 6.01 -12.99 2.52
N LEU A 61 6.77 -11.96 2.15
CA LEU A 61 7.68 -12.03 1.03
C LEU A 61 8.90 -12.89 1.36
N THR A 62 9.38 -12.91 2.62
CA THR A 62 10.66 -13.54 2.97
C THR A 62 10.48 -14.59 4.06
N GLU A 63 11.33 -15.61 4.03
CA GLU A 63 11.39 -16.61 5.09
C GLU A 63 11.71 -16.00 6.45
N SER A 64 12.65 -15.04 6.54
CA SER A 64 12.98 -14.54 7.86
C SER A 64 11.87 -13.66 8.40
N GLY A 65 11.14 -12.97 7.50
CA GLY A 65 9.99 -12.22 7.97
C GLY A 65 8.92 -13.17 8.51
N SER A 66 8.68 -14.26 7.78
CA SER A 66 7.72 -15.30 8.18
C SER A 66 8.08 -15.92 9.55
N ALA A 67 9.36 -16.30 9.73
CA ALA A 67 9.78 -16.96 10.97
C ALA A 67 9.67 -16.03 12.18
N ALA A 68 10.02 -14.74 12.02
CA ALA A 68 9.89 -13.78 13.09
C ALA A 68 8.43 -13.60 13.47
N LEU A 69 7.53 -13.44 12.49
CA LEU A 69 6.12 -13.22 12.78
C LEU A 69 5.52 -14.45 13.48
N LYS A 70 5.86 -15.63 12.99
CA LYS A 70 5.35 -16.86 13.60
C LYS A 70 5.82 -16.96 15.07
N ALA A 71 7.10 -16.58 15.35
CA ALA A 71 7.63 -16.68 16.69
C ALA A 71 6.91 -15.73 17.64
N LYS A 72 6.33 -14.65 17.13
CA LYS A 72 5.66 -13.65 17.98
C LYS A 72 4.16 -13.89 18.13
N THR A 73 3.59 -14.88 17.43
CA THR A 73 2.14 -14.98 17.41
C THR A 73 1.68 -16.32 17.96
N SER A 74 0.35 -16.44 18.06
CA SER A 74 -0.31 -17.66 18.54
C SER A 74 -0.39 -18.74 17.48
N GLU A 75 -0.83 -19.92 17.93
CA GLU A 75 -1.08 -21.07 17.07
C GLU A 75 -2.23 -20.87 16.09
N ARG A 76 -3.11 -19.88 16.32
CA ARG A 76 -4.20 -19.60 15.39
C ARG A 76 -3.69 -18.99 14.07
N LEU A 77 -2.46 -18.40 14.06
CA LEU A 77 -1.94 -17.71 12.88
C LEU A 77 -1.16 -18.69 11.99
N HIS A 78 -1.35 -18.64 10.67
CA HIS A 78 -0.50 -19.38 9.73
CA HIS A 78 -0.53 -19.38 9.71
C HIS A 78 0.23 -18.37 8.87
N THR A 79 1.51 -18.64 8.54
CA THR A 79 2.23 -17.83 7.58
C THR A 79 2.33 -18.59 6.27
N VAL A 80 2.37 -17.85 5.15
CA VAL A 80 2.64 -18.41 3.83
CA VAL A 80 2.66 -18.41 3.83
C VAL A 80 3.63 -17.46 3.14
N LEU A 81 4.47 -18.00 2.28
CA LEU A 81 5.39 -17.22 1.48
C LEU A 81 4.65 -16.85 0.20
N LEU A 82 4.60 -15.55 -0.09
CA LEU A 82 3.92 -15.07 -1.27
C LEU A 82 4.65 -13.85 -1.79
N ASP A 83 5.04 -13.93 -3.07
CA ASP A 83 5.38 -12.77 -3.88
C ASP A 83 4.16 -12.49 -4.77
N VAL A 84 3.53 -11.31 -4.61
CA VAL A 84 2.23 -11.06 -5.25
C VAL A 84 2.40 -10.85 -6.76
N THR A 85 3.64 -10.68 -7.23
CA THR A 85 3.94 -10.54 -8.66
C THR A 85 4.19 -11.88 -9.34
N ASP A 86 4.10 -13.00 -8.61
CA ASP A 86 4.34 -14.32 -9.18
C ASP A 86 3.00 -15.02 -9.33
N PRO A 87 2.38 -15.06 -10.52
CA PRO A 87 1.01 -15.52 -10.63
C PRO A 87 0.80 -16.99 -10.21
N GLU A 88 1.83 -17.83 -10.46
CA GLU A 88 1.80 -19.22 -10.02
C GLU A 88 1.76 -19.34 -8.50
N ASN A 89 2.56 -18.52 -7.77
CA ASN A 89 2.58 -18.51 -6.33
C ASN A 89 1.22 -18.00 -5.83
N VAL A 90 0.65 -17.01 -6.52
CA VAL A 90 -0.64 -16.49 -6.08
C VAL A 90 -1.69 -17.60 -6.18
N LYS A 91 -1.77 -18.27 -7.32
CA LYS A 91 -2.77 -19.31 -7.55
C LYS A 91 -2.61 -20.47 -6.56
N LYS A 92 -1.38 -20.90 -6.33
CA LYS A 92 -1.13 -21.95 -5.34
C LYS A 92 -1.55 -21.53 -3.94
N THR A 93 -1.19 -20.32 -3.55
CA THR A 93 -1.59 -19.81 -2.26
C THR A 93 -3.11 -19.78 -2.18
N ALA A 94 -3.81 -19.29 -3.22
CA ALA A 94 -5.27 -19.26 -3.17
C ALA A 94 -5.85 -20.67 -3.03
N GLN A 95 -5.26 -21.68 -3.70
CA GLN A 95 -5.73 -23.06 -3.56
CA GLN A 95 -5.71 -23.07 -3.58
C GLN A 95 -5.54 -23.53 -2.13
N TRP A 96 -4.42 -23.17 -1.50
CA TRP A 96 -4.16 -23.55 -0.11
C TRP A 96 -5.20 -22.91 0.83
N VAL A 97 -5.50 -21.62 0.62
CA VAL A 97 -6.50 -20.97 1.46
C VAL A 97 -7.84 -21.65 1.27
N LYS A 98 -8.18 -21.93 0.02
CA LYS A 98 -9.49 -22.51 -0.27
C LYS A 98 -9.72 -23.83 0.48
N SER A 99 -8.74 -24.74 0.46
CA SER A 99 -8.87 -26.02 1.15
CA SER A 99 -8.90 -26.02 1.13
C SER A 99 -8.93 -25.83 2.65
N HIS A 100 -8.18 -24.85 3.17
CA HIS A 100 -8.02 -24.62 4.61
CA HIS A 100 -8.05 -24.71 4.62
C HIS A 100 -9.28 -24.02 5.23
N VAL A 101 -9.90 -23.04 4.53
CA VAL A 101 -11.02 -22.33 5.12
C VAL A 101 -12.34 -23.06 4.83
N GLY A 102 -12.36 -23.89 3.81
CA GLY A 102 -13.52 -24.70 3.47
C GLY A 102 -14.75 -23.82 3.27
N GLU A 103 -15.85 -24.27 3.85
CA GLU A 103 -17.15 -23.69 3.58
C GLU A 103 -17.34 -22.40 4.40
N LYS A 104 -16.42 -22.07 5.33
CA LYS A 104 -16.45 -20.74 5.94
C LYS A 104 -16.14 -19.60 4.94
N GLY A 105 -15.37 -19.91 3.89
CA GLY A 105 -14.82 -18.92 2.98
C GLY A 105 -13.81 -18.04 3.73
N LEU A 106 -13.51 -16.88 3.13
CA LEU A 106 -12.51 -15.97 3.65
C LEU A 106 -13.18 -14.65 4.04
N TRP A 107 -13.26 -14.38 5.33
CA TRP A 107 -13.96 -13.21 5.81
C TRP A 107 -13.27 -11.93 5.35
N GLY A 108 -11.94 -11.87 5.49
CA GLY A 108 -11.20 -10.66 5.15
C GLY A 108 -10.03 -10.91 4.21
N LEU A 109 -9.87 -9.98 3.27
CA LEU A 109 -8.67 -9.85 2.46
C LEU A 109 -8.14 -8.42 2.61
N ILE A 110 -6.91 -8.29 3.13
CA ILE A 110 -6.20 -7.04 3.23
C ILE A 110 -5.07 -7.01 2.20
N ASN A 111 -5.26 -6.18 1.16
CA ASN A 111 -4.23 -5.99 0.14
C ASN A 111 -3.30 -4.87 0.57
N ASN A 112 -2.22 -5.28 1.23
CA ASN A 112 -1.29 -4.36 1.89
C ASN A 112 0.06 -4.31 1.20
N ALA A 113 0.52 -5.41 0.61
CA ALA A 113 1.83 -5.42 0.01
C ALA A 113 2.00 -4.27 -0.98
N GLY A 114 3.15 -3.62 -0.90
CA GLY A 114 3.43 -2.54 -1.82
C GLY A 114 4.87 -2.08 -1.66
N VAL A 115 5.34 -1.42 -2.73
CA VAL A 115 6.68 -0.85 -2.83
C VAL A 115 6.63 0.56 -3.42
N LEU A 116 7.66 1.35 -3.10
CA LEU A 116 7.75 2.74 -3.53
C LEU A 116 8.25 2.86 -4.98
N GLY A 117 9.19 1.97 -5.38
CA GLY A 117 9.96 2.12 -6.59
C GLY A 117 10.81 3.39 -6.57
N VAL A 118 11.30 3.79 -7.73
CA VAL A 118 12.14 4.98 -7.88
C VAL A 118 11.25 6.22 -7.90
N LEU A 119 11.60 7.18 -7.05
CA LEU A 119 11.02 8.50 -7.01
C LEU A 119 12.08 9.48 -7.54
N ALA A 120 11.76 10.18 -8.64
CA ALA A 120 12.67 11.18 -9.18
C ALA A 120 11.90 12.06 -10.16
N PRO A 121 12.42 13.24 -10.56
CA PRO A 121 11.77 14.06 -11.58
C PRO A 121 11.48 13.22 -12.82
N THR A 122 10.31 13.47 -13.40
CA THR A 122 9.79 12.70 -14.51
C THR A 122 10.82 12.66 -15.65
N ASP A 123 11.51 13.78 -15.91
CA ASP A 123 12.43 13.86 -17.04
C ASP A 123 13.73 13.10 -16.81
N TRP A 124 13.92 12.51 -15.62
CA TRP A 124 15.08 11.65 -15.39
C TRP A 124 14.79 10.19 -15.72
N LEU A 125 13.52 9.82 -15.95
CA LEU A 125 13.07 8.42 -15.88
C LEU A 125 12.92 7.80 -17.27
N THR A 126 12.98 6.45 -17.33
CA THR A 126 12.51 5.72 -18.50
C THR A 126 11.21 5.00 -18.14
N VAL A 127 10.50 4.49 -19.14
CA VAL A 127 9.22 3.83 -18.91
C VAL A 127 9.45 2.61 -18.02
N ASP A 128 10.63 1.96 -18.14
CA ASP A 128 10.94 0.77 -17.36
CA ASP A 128 10.88 0.76 -17.36
C ASP A 128 10.90 1.08 -15.86
N ASP A 129 11.26 2.30 -15.48
CA ASP A 129 11.29 2.72 -14.08
C ASP A 129 9.90 2.76 -13.44
N TYR A 130 8.84 2.80 -14.25
CA TYR A 130 7.49 2.87 -13.75
C TYR A 130 6.94 1.48 -13.47
N ARG A 131 7.56 0.42 -14.04
CA ARG A 131 6.94 -0.90 -14.05
C ARG A 131 6.85 -1.55 -12.68
N GLU A 132 7.89 -1.41 -11.85
CA GLU A 132 7.98 -2.17 -10.60
C GLU A 132 6.85 -1.78 -9.63
N PRO A 133 6.69 -0.48 -9.27
CA PRO A 133 5.58 -0.13 -8.38
C PRO A 133 4.22 -0.54 -8.93
N ILE A 134 4.01 -0.38 -10.24
CA ILE A 134 2.75 -0.78 -10.83
C ILE A 134 2.55 -2.29 -10.73
N GLU A 135 3.63 -3.06 -10.91
CA GLU A 135 3.49 -4.51 -10.87
C GLU A 135 3.09 -5.05 -9.49
N VAL A 136 3.69 -4.51 -8.42
CA VAL A 136 3.37 -4.89 -7.06
C VAL A 136 2.06 -4.30 -6.57
N ASN A 137 1.97 -2.98 -6.68
CA ASN A 137 0.90 -2.23 -6.03
C ASN A 137 -0.43 -2.35 -6.75
N LEU A 138 -0.42 -2.48 -8.08
CA LEU A 138 -1.64 -2.58 -8.88
C LEU A 138 -1.85 -4.02 -9.34
N PHE A 139 -0.99 -4.52 -10.23
CA PHE A 139 -1.22 -5.85 -10.78
C PHE A 139 -1.22 -6.93 -9.70
N GLY A 140 -0.28 -6.90 -8.76
CA GLY A 140 -0.27 -7.86 -7.66
C GLY A 140 -1.53 -7.79 -6.80
N LEU A 141 -1.96 -6.57 -6.45
CA LEU A 141 -3.22 -6.40 -5.74
C LEU A 141 -4.42 -6.98 -6.50
N ILE A 142 -4.50 -6.71 -7.81
CA ILE A 142 -5.57 -7.23 -8.62
C ILE A 142 -5.53 -8.76 -8.63
N ASN A 143 -4.35 -9.34 -8.86
CA ASN A 143 -4.31 -10.79 -8.99
C ASN A 143 -4.64 -11.51 -7.69
N VAL A 144 -4.11 -11.01 -6.57
CA VAL A 144 -4.51 -11.55 -5.29
C VAL A 144 -6.02 -11.43 -5.13
N THR A 145 -6.58 -10.24 -5.40
CA THR A 145 -8.02 -10.05 -5.21
C THR A 145 -8.82 -11.07 -6.05
N LEU A 146 -8.49 -11.16 -7.33
CA LEU A 146 -9.25 -12.03 -8.24
C LEU A 146 -9.14 -13.52 -7.82
N ASN A 147 -7.98 -13.95 -7.34
CA ASN A 147 -7.78 -15.35 -6.91
C ASN A 147 -8.50 -15.65 -5.60
N MET A 148 -8.69 -14.66 -4.73
CA MET A 148 -9.33 -14.88 -3.46
C MET A 148 -10.82 -14.54 -3.47
N LEU A 149 -11.27 -13.85 -4.52
CA LEU A 149 -12.61 -13.31 -4.53
C LEU A 149 -13.70 -14.39 -4.37
N PRO A 150 -13.63 -15.59 -4.98
CA PRO A 150 -14.65 -16.61 -4.74
C PRO A 150 -14.77 -16.93 -3.25
N LEU A 151 -13.65 -16.89 -2.50
CA LEU A 151 -13.70 -17.25 -1.09
C LEU A 151 -14.33 -16.12 -0.28
N VAL A 152 -14.03 -14.87 -0.67
CA VAL A 152 -14.63 -13.75 0.03
C VAL A 152 -16.14 -13.72 -0.22
N LYS A 153 -16.56 -13.95 -1.46
CA LYS A 153 -17.98 -14.04 -1.78
C LYS A 153 -18.65 -15.10 -0.90
N LYS A 154 -17.99 -16.25 -0.77
CA LYS A 154 -18.55 -17.35 0.01
C LYS A 154 -18.82 -16.91 1.44
N ALA A 155 -17.92 -16.09 2.02
CA ALA A 155 -18.06 -15.61 3.37
C ALA A 155 -18.96 -14.39 3.48
N ARG A 156 -19.36 -13.80 2.34
CA ARG A 156 -19.94 -12.46 2.33
C ARG A 156 -19.07 -11.51 3.11
N GLY A 157 -17.77 -11.58 2.81
CA GLY A 157 -16.76 -10.87 3.56
C GLY A 157 -16.36 -9.49 3.02
N ARG A 158 -15.10 -9.15 3.28
CA ARG A 158 -14.58 -7.78 3.22
C ARG A 158 -13.24 -7.78 2.50
N VAL A 159 -13.15 -6.90 1.48
CA VAL A 159 -11.89 -6.60 0.82
C VAL A 159 -11.43 -5.21 1.23
N ILE A 160 -10.22 -5.14 1.79
CA ILE A 160 -9.60 -3.93 2.24
C ILE A 160 -8.35 -3.64 1.41
N ASN A 161 -8.36 -2.53 0.69
CA ASN A 161 -7.28 -2.13 -0.21
C ASN A 161 -6.52 -0.97 0.41
N VAL A 162 -5.20 -1.11 0.51
CA VAL A 162 -4.37 -0.02 1.03
C VAL A 162 -3.91 0.85 -0.14
N SER A 163 -4.46 2.06 -0.20
CA SER A 163 -4.11 3.03 -1.22
C SER A 163 -3.07 3.94 -0.59
N SER A 164 -3.28 5.24 -0.68
CA SER A 164 -2.36 6.26 -0.20
C SER A 164 -3.01 7.61 -0.46
N ILE A 165 -2.56 8.64 0.28
CA ILE A 165 -2.90 9.98 -0.10
C ILE A 165 -2.31 10.23 -1.50
N GLY A 166 -1.23 9.52 -1.86
CA GLY A 166 -0.60 9.59 -3.17
C GLY A 166 -1.40 8.95 -4.32
N GLY A 167 -2.51 8.30 -4.00
CA GLY A 167 -3.51 7.87 -4.96
C GLY A 167 -4.61 8.91 -5.22
N ARG A 168 -4.54 10.04 -4.50
CA ARG A 168 -5.52 11.12 -4.63
C ARG A 168 -4.86 12.45 -5.00
N LEU A 169 -3.61 12.64 -4.62
CA LEU A 169 -2.81 13.79 -4.97
C LEU A 169 -1.43 13.29 -5.38
N ALA A 170 -0.91 13.74 -6.52
CA ALA A 170 0.36 13.20 -7.03
C ALA A 170 1.56 13.81 -6.31
N PHE A 171 2.37 12.99 -5.65
CA PHE A 171 3.45 13.59 -4.86
C PHE A 171 4.75 13.82 -5.64
N GLY A 172 5.05 13.05 -6.68
CA GLY A 172 6.29 13.31 -7.38
C GLY A 172 6.45 12.32 -8.52
N GLY A 173 7.53 12.45 -9.31
CA GLY A 173 7.65 11.62 -10.49
C GLY A 173 7.84 10.14 -10.13
N GLY A 174 7.62 9.24 -11.09
CA GLY A 174 7.79 7.82 -10.87
C GLY A 174 6.46 7.10 -10.83
N GLY A 175 6.57 5.78 -10.76
CA GLY A 175 5.46 4.86 -10.87
C GLY A 175 4.55 4.77 -9.64
N TYR A 176 4.99 5.22 -8.47
CA TYR A 176 4.18 5.01 -7.29
C TYR A 176 2.83 5.74 -7.42
N THR A 177 2.87 7.00 -7.80
CA THR A 177 1.65 7.79 -7.98
C THR A 177 0.65 7.09 -8.91
N PRO A 178 1.00 6.79 -10.18
CA PRO A 178 0.04 6.12 -11.06
C PRO A 178 -0.47 4.81 -10.50
N SER A 179 0.41 4.04 -9.82
CA SER A 179 0.00 2.78 -9.20
C SER A 179 -1.14 2.98 -8.20
N LYS A 180 -1.01 4.03 -7.36
CA LYS A 180 -2.01 4.21 -6.31
C LYS A 180 -3.30 4.81 -6.84
N TYR A 181 -3.18 5.73 -7.80
CA TYR A 181 -4.34 6.21 -8.54
C TYR A 181 -5.12 5.05 -9.10
N ALA A 182 -4.40 4.12 -9.74
CA ALA A 182 -5.04 2.99 -10.37
C ALA A 182 -5.75 2.11 -9.35
N VAL A 183 -5.18 1.94 -8.16
CA VAL A 183 -5.80 1.15 -7.11
C VAL A 183 -7.12 1.79 -6.69
N GLU A 184 -7.15 3.10 -6.59
CA GLU A 184 -8.42 3.78 -6.26
C GLU A 184 -9.54 3.44 -7.26
N GLY A 185 -9.21 3.51 -8.56
CA GLY A 185 -10.19 3.18 -9.59
C GLY A 185 -10.61 1.71 -9.57
N PHE A 186 -9.63 0.78 -9.44
CA PHE A 186 -9.96 -0.62 -9.32
C PHE A 186 -10.87 -0.87 -8.09
N ASN A 187 -10.49 -0.31 -6.98
CA ASN A 187 -11.26 -0.43 -5.74
C ASN A 187 -12.74 -0.15 -6.02
N ASP A 188 -12.99 0.95 -6.70
CA ASP A 188 -14.37 1.39 -6.90
C ASP A 188 -15.11 0.48 -7.86
N SER A 189 -14.46 0.06 -8.94
CA SER A 189 -15.03 -0.93 -9.86
C SER A 189 -15.42 -2.19 -9.08
N LEU A 190 -14.47 -2.69 -8.26
CA LEU A 190 -14.69 -3.90 -7.47
C LEU A 190 -15.86 -3.70 -6.51
N ARG A 191 -15.87 -2.57 -5.79
CA ARG A 191 -16.94 -2.34 -4.84
C ARG A 191 -18.32 -2.46 -5.51
N ARG A 192 -18.52 -1.76 -6.60
CA ARG A 192 -19.82 -1.78 -7.27
C ARG A 192 -20.15 -3.15 -7.85
N ASP A 193 -19.15 -3.87 -8.33
CA ASP A 193 -19.36 -5.24 -8.80
C ASP A 193 -19.79 -6.15 -7.66
N MET A 194 -19.28 -5.92 -6.45
CA MET A 194 -19.44 -6.86 -5.36
C MET A 194 -20.65 -6.56 -4.47
N LYS A 195 -21.29 -5.40 -4.66
CA LYS A 195 -22.47 -5.04 -3.88
C LYS A 195 -23.55 -6.13 -3.94
N ALA A 196 -23.78 -6.70 -5.14
CA ALA A 196 -24.81 -7.73 -5.35
C ALA A 196 -24.55 -8.99 -4.52
N PHE A 197 -23.29 -9.22 -4.14
CA PHE A 197 -22.96 -10.40 -3.36
C PHE A 197 -22.84 -10.11 -1.88
N GLY A 198 -23.15 -8.88 -1.46
CA GLY A 198 -23.06 -8.55 -0.04
C GLY A 198 -21.60 -8.45 0.45
N VAL A 199 -20.61 -8.37 -0.47
CA VAL A 199 -19.22 -8.15 -0.07
C VAL A 199 -18.93 -6.66 0.04
N HIS A 200 -18.29 -6.22 1.13
CA HIS A 200 -17.95 -4.83 1.35
CA HIS A 200 -17.95 -4.82 1.34
C HIS A 200 -16.49 -4.63 0.92
N VAL A 201 -16.22 -3.46 0.36
CA VAL A 201 -14.88 -3.11 -0.11
C VAL A 201 -14.55 -1.75 0.50
N SER A 202 -13.41 -1.69 1.18
CA SER A 202 -12.92 -0.50 1.85
C SER A 202 -11.56 -0.13 1.34
N CYS A 203 -11.39 1.15 1.10
CA CYS A 203 -10.11 1.67 0.68
C CYS A 203 -9.49 2.50 1.81
N ILE A 204 -8.25 2.20 2.20
CA ILE A 204 -7.56 2.96 3.25
C ILE A 204 -6.51 3.88 2.64
N GLU A 205 -6.56 5.18 2.98
CA GLU A 205 -5.62 6.16 2.42
C GLU A 205 -4.76 6.72 3.56
N PRO A 206 -3.59 6.14 3.88
CA PRO A 206 -2.72 6.74 4.90
C PRO A 206 -1.97 7.94 4.38
N GLY A 207 -1.72 8.91 5.28
CA GLY A 207 -0.64 9.84 5.07
C GLY A 207 0.72 9.17 5.31
N LEU A 208 1.75 9.94 5.65
CA LEU A 208 3.10 9.40 5.77
C LEU A 208 3.32 8.72 7.12
N PHE A 209 3.88 7.50 7.09
CA PHE A 209 4.09 6.71 8.29
C PHE A 209 5.47 6.08 8.21
N LYS A 210 6.14 5.99 9.37
CA LYS A 210 7.48 5.44 9.45
C LYS A 210 7.45 3.92 9.34
N THR A 211 7.79 3.39 8.15
CA THR A 211 7.78 1.95 7.90
C THR A 211 9.06 1.68 7.11
N GLU A 212 9.13 0.56 6.40
CA GLU A 212 10.26 0.31 5.52
C GLU A 212 9.96 0.76 4.10
N LEU A 213 8.81 1.40 3.84
CA LEU A 213 8.45 1.72 2.48
C LEU A 213 9.45 2.73 1.87
N ALA A 214 9.62 3.84 2.57
CA ALA A 214 10.33 5.02 2.11
C ALA A 214 11.41 5.29 3.14
N ASP A 215 12.54 5.67 2.61
CA ASP A 215 13.70 5.86 3.44
C ASP A 215 14.49 6.84 2.62
N PRO A 216 14.69 8.08 3.10
CA PRO A 216 15.35 9.12 2.31
C PRO A 216 16.68 8.67 1.76
N ILE A 217 17.43 7.89 2.55
CA ILE A 217 18.75 7.45 2.10
C ILE A 217 18.59 6.51 0.92
N LYS A 218 17.63 5.60 0.99
CA LYS A 218 17.46 4.64 -0.11
C LYS A 218 16.96 5.39 -1.37
N THR A 219 16.06 6.36 -1.17
CA THR A 219 15.54 7.17 -2.27
C THR A 219 16.70 7.93 -2.93
N THR A 220 17.57 8.56 -2.12
CA THR A 220 18.77 9.23 -2.65
C THR A 220 19.68 8.26 -3.40
N GLU A 221 19.90 7.05 -2.89
CA GLU A 221 20.72 6.08 -3.59
C GLU A 221 20.17 5.80 -4.98
N LYS A 222 18.85 5.64 -5.10
CA LYS A 222 18.31 5.35 -6.43
C LYS A 222 18.54 6.53 -7.38
N LYS A 223 18.39 7.76 -6.90
CA LYS A 223 18.63 8.94 -7.73
C LYS A 223 20.08 9.02 -8.22
N LEU A 224 21.04 8.68 -7.36
CA LEU A 224 22.45 8.69 -7.73
C LEU A 224 22.74 7.66 -8.81
N ALA A 225 22.11 6.49 -8.72
CA ALA A 225 22.26 5.48 -9.76
C ALA A 225 21.80 6.03 -11.12
N ILE A 226 20.67 6.75 -11.10
CA ILE A 226 20.10 7.29 -12.32
C ILE A 226 21.00 8.39 -12.87
N TRP A 227 21.45 9.29 -11.99
CA TRP A 227 22.29 10.42 -12.34
C TRP A 227 23.50 9.98 -13.16
N LYS A 228 24.10 8.85 -12.78
CA LYS A 228 25.30 8.39 -13.47
C LYS A 228 25.09 8.30 -14.97
N HIS A 229 23.90 7.92 -15.42
CA HIS A 229 23.68 7.67 -16.84
C HIS A 229 22.74 8.71 -17.48
N LEU A 230 22.44 9.85 -16.80
CA LEU A 230 21.60 10.91 -17.37
C LEU A 230 22.34 11.64 -18.47
N SER A 231 21.58 12.14 -19.45
CA SER A 231 22.14 12.98 -20.51
C SER A 231 22.84 14.24 -19.96
N PRO A 232 23.89 14.73 -20.63
CA PRO A 232 24.54 15.98 -20.22
C PRO A 232 23.62 17.18 -20.01
N ASP A 233 22.59 17.31 -20.86
CA ASP A 233 21.70 18.45 -20.82
C ASP A 233 20.84 18.42 -19.56
N ILE A 234 20.38 17.26 -19.15
CA ILE A 234 19.59 17.15 -17.92
C ILE A 234 20.46 17.56 -16.73
N LYS A 235 21.67 17.05 -16.72
CA LYS A 235 22.57 17.34 -15.62
C LYS A 235 22.89 18.82 -15.59
N GLN A 236 22.94 19.51 -16.75
CA GLN A 236 23.22 20.94 -16.75
C GLN A 236 22.00 21.69 -16.24
N GLN A 237 20.80 21.27 -16.63
CA GLN A 237 19.59 21.98 -16.25
C GLN A 237 19.39 21.88 -14.74
N TYR A 238 19.54 20.67 -14.19
CA TYR A 238 19.28 20.50 -12.75
C TYR A 238 20.46 21.03 -11.92
N GLY A 239 21.70 20.66 -12.30
CA GLY A 239 22.93 21.20 -11.72
C GLY A 239 23.58 20.17 -10.82
N GLU A 240 24.91 20.12 -10.76
CA GLU A 240 25.56 19.15 -9.87
C GLU A 240 25.14 19.47 -8.43
N GLY A 241 25.01 18.45 -7.60
CA GLY A 241 24.53 18.66 -6.23
C GLY A 241 23.04 19.01 -6.13
N TYR A 242 22.26 18.84 -7.22
CA TYR A 242 20.82 18.89 -7.11
C TYR A 242 20.36 17.82 -6.12
N ILE A 243 20.97 16.63 -6.18
CA ILE A 243 20.52 15.50 -5.39
C ILE A 243 20.85 15.73 -3.92
N GLU A 244 22.04 16.30 -3.65
CA GLU A 244 22.43 16.68 -2.32
C GLU A 244 21.43 17.66 -1.73
N LYS A 245 21.08 18.72 -2.47
CA LYS A 245 20.11 19.70 -1.98
C LYS A 245 18.70 19.09 -1.85
N SER A 246 18.43 18.00 -2.60
CA SER A 246 17.16 17.27 -2.51
C SER A 246 17.05 16.53 -1.18
N LEU A 247 18.14 15.84 -0.80
CA LEU A 247 18.22 15.12 0.46
C LEU A 247 18.05 16.07 1.63
N HIS A 248 18.37 17.36 1.42
CA HIS A 248 18.29 18.39 2.44
C HIS A 248 16.94 19.08 2.48
N ARG A 249 15.91 18.48 1.84
CA ARG A 249 14.52 18.86 2.02
C ARG A 249 13.73 17.67 2.56
N LEU A 250 13.98 16.48 2.00
CA LEU A 250 13.49 15.22 2.52
C LEU A 250 13.77 15.13 4.03
N LYS A 251 14.99 15.53 4.42
CA LYS A 251 15.36 15.64 5.83
C LYS A 251 14.67 16.84 6.47
N SER A 252 14.68 17.99 5.79
CA SER A 252 14.34 19.27 6.41
C SER A 252 12.85 19.39 6.73
N ASN A 253 12.02 18.38 6.40
CA ASN A 253 10.64 18.31 6.84
C ASN A 253 10.20 16.86 7.05
N THR A 254 11.08 16.01 7.61
CA THR A 254 10.75 14.63 7.93
C THR A 254 10.18 14.56 9.34
N SER A 255 9.89 15.70 9.96
CA SER A 255 9.44 15.74 11.33
C SER A 255 7.93 15.53 11.43
N SER A 256 7.23 15.50 10.28
CA SER A 256 5.79 15.29 10.29
C SER A 256 5.43 13.93 9.70
N VAL A 257 6.32 12.94 9.89
CA VAL A 257 6.01 11.57 9.54
C VAL A 257 5.45 10.90 10.81
N ASN A 258 4.24 10.34 10.70
CA ASN A 258 3.59 9.62 11.80
C ASN A 258 4.39 8.39 12.25
N LEU A 259 4.53 8.20 13.56
CA LEU A 259 5.19 7.01 14.09
C LEU A 259 4.16 5.95 14.51
N ASP A 260 2.90 6.33 14.69
CA ASP A 260 1.93 5.44 15.28
C ASP A 260 1.20 4.63 14.20
N LEU A 261 1.76 3.45 13.84
CA LEU A 261 1.21 2.60 12.78
C LEU A 261 -0.17 2.10 13.17
N SER A 262 -0.49 2.11 14.47
CA SER A 262 -1.80 1.62 14.88
C SER A 262 -2.92 2.54 14.38
N LEU A 263 -2.62 3.76 13.92
CA LEU A 263 -3.69 4.54 13.31
C LEU A 263 -4.21 3.85 12.04
N VAL A 264 -3.34 3.18 11.30
CA VAL A 264 -3.79 2.55 10.07
C VAL A 264 -4.44 1.20 10.39
N VAL A 265 -3.82 0.44 11.29
CA VAL A 265 -4.35 -0.85 11.67
C VAL A 265 -5.72 -0.71 12.32
N GLY A 266 -5.92 0.38 13.09
CA GLY A 266 -7.24 0.72 13.63
C GLY A 266 -8.30 0.88 12.54
N CYS A 267 -7.93 1.47 11.38
CA CYS A 267 -8.85 1.55 10.26
C CYS A 267 -9.13 0.15 9.75
N MET A 268 -8.07 -0.67 9.55
CA MET A 268 -8.31 -2.02 9.08
C MET A 268 -9.26 -2.77 10.02
N ASP A 269 -9.09 -2.56 11.33
CA ASP A 269 -9.87 -3.28 12.32
C ASP A 269 -11.35 -2.93 12.18
N HIS A 270 -11.66 -1.64 12.07
CA HIS A 270 -13.03 -1.23 11.83
C HIS A 270 -13.57 -1.84 10.54
N ALA A 271 -12.78 -1.82 9.43
CA ALA A 271 -13.26 -2.36 8.16
C ALA A 271 -13.62 -3.84 8.29
N LEU A 272 -12.90 -4.57 9.15
CA LEU A 272 -13.08 -6.01 9.32
C LEU A 272 -14.17 -6.36 10.33
N THR A 273 -14.42 -5.50 11.34
CA THR A 273 -15.24 -5.89 12.49
C THR A 273 -16.53 -5.07 12.62
N SER A 274 -16.60 -3.88 12.02
CA SER A 274 -17.84 -3.10 12.09
C SER A 274 -18.94 -3.76 11.26
N LEU A 275 -20.20 -3.61 11.69
CA LEU A 275 -21.34 -3.99 10.90
C LEU A 275 -21.60 -2.95 9.81
N PHE A 276 -20.98 -1.77 9.94
CA PHE A 276 -21.11 -0.68 8.99
C PHE A 276 -19.72 -0.21 8.57
N PRO A 277 -18.91 -1.05 7.88
CA PRO A 277 -17.58 -0.60 7.48
C PRO A 277 -17.69 0.58 6.50
N LYS A 278 -16.69 1.46 6.55
CA LYS A 278 -16.68 2.63 5.67
C LYS A 278 -16.17 2.25 4.29
N THR A 279 -16.52 3.05 3.30
CA THR A 279 -15.99 2.85 1.95
C THR A 279 -14.56 3.40 1.85
N ARG A 280 -14.26 4.46 2.62
CA ARG A 280 -12.94 5.06 2.66
C ARG A 280 -12.56 5.39 4.10
N TYR A 281 -11.33 5.06 4.46
CA TYR A 281 -10.72 5.47 5.73
C TYR A 281 -9.51 6.34 5.41
N ILE A 282 -9.35 7.45 6.14
CA ILE A 282 -8.16 8.27 6.02
C ILE A 282 -7.39 8.19 7.33
N ALA A 283 -6.07 7.97 7.28
CA ALA A 283 -5.28 7.80 8.49
C ALA A 283 -4.15 8.81 8.49
N GLY A 284 -4.01 9.49 9.62
CA GLY A 284 -3.03 10.56 9.77
C GLY A 284 -3.79 11.89 9.88
N LYS A 285 -3.36 12.72 10.83
CA LYS A 285 -4.06 13.96 11.16
C LYS A 285 -3.99 14.90 9.94
N ASP A 286 -2.78 15.09 9.37
CA ASP A 286 -2.64 15.97 8.21
C ASP A 286 -3.40 15.43 6.99
N ALA A 287 -3.40 14.10 6.80
CA ALA A 287 -4.18 13.46 5.74
C ALA A 287 -5.64 13.91 5.77
N LYS A 288 -6.31 13.86 6.92
CA LYS A 288 -7.74 14.04 6.91
C LYS A 288 -8.08 15.53 6.88
N THR A 289 -7.28 16.35 7.55
CA THR A 289 -7.62 17.78 7.72
C THR A 289 -7.14 18.61 6.56
N PHE A 290 -6.10 18.14 5.84
CA PHE A 290 -5.49 18.97 4.81
C PHE A 290 -5.34 18.28 3.46
N TRP A 291 -4.62 17.15 3.41
CA TRP A 291 -4.25 16.53 2.14
C TRP A 291 -5.44 16.03 1.32
N ILE A 292 -6.37 15.29 1.93
CA ILE A 292 -7.47 14.75 1.15
C ILE A 292 -8.37 15.91 0.73
N PRO A 293 -8.69 16.91 1.60
CA PRO A 293 -9.36 18.11 1.10
C PRO A 293 -8.69 18.79 -0.11
N LEU A 294 -7.38 19.00 -0.04
CA LEU A 294 -6.65 19.62 -1.13
C LEU A 294 -6.72 18.82 -2.44
N SER A 295 -6.80 17.48 -2.34
CA SER A 295 -6.91 16.59 -3.50
C SER A 295 -8.15 16.93 -4.33
N HIS A 296 -9.14 17.60 -3.72
CA HIS A 296 -10.32 18.01 -4.47
C HIS A 296 -10.12 19.33 -5.21
N MET A 297 -9.09 20.09 -4.86
CA MET A 297 -8.88 21.40 -5.42
CA MET A 297 -8.87 21.42 -5.41
C MET A 297 -8.24 21.31 -6.79
N PRO A 298 -8.50 22.27 -7.68
CA PRO A 298 -7.78 22.32 -8.97
C PRO A 298 -6.28 22.58 -8.83
N ALA A 299 -5.57 22.37 -9.94
CA ALA A 299 -4.12 22.39 -9.98
C ALA A 299 -3.54 23.71 -9.50
N VAL A 300 -4.22 24.85 -9.78
CA VAL A 300 -3.67 26.15 -9.45
C VAL A 300 -3.36 26.26 -7.95
N LEU A 301 -4.22 25.69 -7.08
CA LEU A 301 -4.03 25.71 -5.64
C LEU A 301 -3.02 24.64 -5.21
N GLN A 302 -3.20 23.43 -5.74
CA GLN A 302 -2.28 22.36 -5.38
C GLN A 302 -0.85 22.73 -5.69
N ASP A 303 -0.62 23.21 -6.92
CA ASP A 303 0.73 23.45 -7.43
C ASP A 303 1.43 24.51 -6.55
N PHE A 304 0.72 25.57 -6.21
CA PHE A 304 1.24 26.63 -5.34
C PHE A 304 1.78 26.06 -4.03
N LEU A 305 1.00 25.18 -3.38
CA LEU A 305 1.40 24.61 -2.10
C LEU A 305 2.52 23.60 -2.26
N LEU A 306 2.42 22.72 -3.26
CA LEU A 306 3.40 21.65 -3.33
C LEU A 306 4.73 22.12 -3.91
N LEU A 307 4.78 23.25 -4.59
CA LEU A 307 6.03 23.57 -5.24
C LEU A 307 6.88 24.43 -4.29
N LYS A 308 6.26 24.90 -3.20
CA LYS A 308 6.87 25.84 -2.27
C LYS A 308 8.31 25.44 -1.92
N GLN A 309 8.54 24.17 -1.64
CA GLN A 309 9.83 23.75 -1.10
C GLN A 309 10.80 23.30 -2.19
N LYS A 310 10.32 23.00 -3.43
CA LYS A 310 11.07 22.26 -4.43
C LYS A 310 12.38 22.99 -4.68
N VAL A 311 13.46 22.23 -4.91
CA VAL A 311 14.78 22.82 -5.08
C VAL A 311 14.83 23.52 -6.45
N GLU A 312 15.33 24.76 -6.49
CA GLU A 312 15.50 25.50 -7.73
C GLU A 312 16.45 24.74 -8.65
N LEU A 313 16.15 24.70 -9.95
CA LEU A 313 17.09 24.08 -10.89
C LEU A 313 18.22 25.08 -11.16
N ALA A 314 19.41 24.57 -11.49
CA ALA A 314 20.57 25.43 -11.73
C ALA A 314 20.43 26.23 -13.03
N ASN A 315 20.00 25.57 -14.11
CA ASN A 315 19.96 26.17 -15.44
C ASN A 315 18.73 25.73 -16.21
N PRO A 316 17.52 26.18 -15.83
CA PRO A 316 16.29 25.71 -16.46
C PRO A 316 16.12 26.13 -17.92
N LYS A 317 16.84 27.17 -18.37
CA LYS A 317 16.78 27.62 -19.75
C LYS A 317 17.74 26.86 -20.65
N ALA A 318 18.51 25.91 -20.09
CA ALA A 318 19.41 25.05 -20.85
C ALA A 318 18.68 23.88 -21.51
N VAL A 319 17.70 24.22 -22.37
CA VAL A 319 16.83 23.26 -23.05
C VAL A 319 17.08 23.26 -24.58
PA NAD B . 6.90 -1.76 4.26
O1A NAD B . 7.94 -1.75 3.19
O2A NAD B . 7.29 -1.71 5.70
O5B NAD B . 5.91 -2.96 4.06
C5B NAD B . 5.67 -3.46 2.72
C4B NAD B . 5.37 -4.93 2.85
O4B NAD B . 5.08 -5.46 1.54
C3B NAD B . 6.54 -5.76 3.42
O3B NAD B . 6.07 -6.82 4.25
C2B NAD B . 7.15 -6.37 2.15
O2B NAD B . 7.79 -7.57 2.48
C1B NAD B . 5.89 -6.60 1.32
N9A NAD B . 6.12 -6.75 -0.10
C8A NAD B . 6.88 -5.95 -0.92
N7A NAD B . 6.94 -6.40 -2.17
C5A NAD B . 6.13 -7.54 -2.16
C6A NAD B . 5.81 -8.48 -3.15
N6A NAD B . 6.24 -8.44 -4.40
N1A NAD B . 5.05 -9.53 -2.78
C2A NAD B . 4.63 -9.62 -1.52
N3A NAD B . 4.87 -8.81 -0.50
C4A NAD B . 5.65 -7.78 -0.89
O3 NAD B . 5.88 -0.53 4.03
PN NAD B . 4.40 -0.17 4.49
O1N NAD B . 4.34 1.30 4.61
O2N NAD B . 3.99 -1.00 5.65
O5D NAD B . 3.64 -0.64 3.15
C5D NAD B . 2.34 -1.28 3.20
C4D NAD B . 1.36 -0.56 2.29
O4D NAD B . 1.08 0.76 2.83
C3D NAD B . 1.82 -0.34 0.84
O3D NAD B . 0.76 -0.55 -0.09
C2D NAD B . 2.19 1.15 0.83
O2D NAD B . 2.11 1.66 -0.50
C1D NAD B . 1.09 1.68 1.74
N1N NAD B . 1.26 3.03 2.27
C2N NAD B . 2.33 3.35 3.07
C3N NAD B . 2.50 4.65 3.53
C7N NAD B . 3.66 5.03 4.41
O7N NAD B . 3.95 6.22 4.52
N7N NAD B . 4.29 4.05 5.09
C4N NAD B . 1.59 5.63 3.18
C5N NAD B . 0.49 5.28 2.39
C6N NAD B . 0.34 4.01 1.93
C1 MLI C . -15.94 20.77 -6.30
C2 MLI C . -17.32 20.27 -6.74
C3 MLI C . -15.42 20.28 -4.93
O6 MLI C . -17.63 20.34 -7.95
O7 MLI C . -18.08 19.79 -5.86
O8 MLI C . -14.28 20.69 -4.55
O9 MLI C . -16.15 19.50 -4.25
#